data_2VE8
#
_entry.id   2VE8
#
_cell.length_a   44.494
_cell.length_b   58.496
_cell.length_c   95.408
_cell.angle_alpha   90.00
_cell.angle_beta   92.51
_cell.angle_gamma   90.00
#
_symmetry.space_group_name_H-M   'P 1 21 1'
#
loop_
_entity.id
_entity.type
_entity.pdbx_description
1 polymer 'DNA TRANSLOCASE FTSK'
2 water water
#
_entity_poly.entity_id   1
_entity_poly.type   'polypeptide(L)'
_entity_poly.pdbx_seq_one_letter_code
;GSGEGSEDDPLYDEAVRFVTESRRASISAVQRKLKIGYNRAARMIEAMEMAGVVTPMNTNGSREVIAPAPVRD
;
_entity_poly.pdbx_strand_id   A,B,C,D,E,F,G,H
#
# COMPACT_ATOMS: atom_id res chain seq x y z
N GLU A 7 -9.05 7.29 22.20
CA GLU A 7 -8.46 8.57 21.65
C GLU A 7 -7.56 8.08 20.52
N ASP A 8 -8.09 8.18 19.34
CA ASP A 8 -7.62 7.62 18.08
C ASP A 8 -6.48 8.45 17.54
N ASP A 9 -5.65 7.88 16.69
CA ASP A 9 -4.40 8.54 16.32
C ASP A 9 -4.19 8.42 14.81
N PRO A 10 -3.67 9.45 14.15
CA PRO A 10 -3.37 9.34 12.72
C PRO A 10 -2.31 8.29 12.45
N LEU A 11 -1.48 7.96 13.48
CA LEU A 11 -0.42 6.97 13.16
C LEU A 11 -0.87 5.54 13.35
N TYR A 12 -2.13 5.29 13.65
CA TYR A 12 -2.61 3.91 13.93
C TYR A 12 -2.19 2.93 12.84
N ASP A 13 -2.47 3.25 11.57
CA ASP A 13 -2.18 2.26 10.51
C ASP A 13 -0.71 2.02 10.41
N GLU A 14 0.13 3.06 10.55
CA GLU A 14 1.54 2.83 10.58
C GLU A 14 1.98 1.98 11.74
N ALA A 15 1.43 2.15 12.91
CA ALA A 15 1.74 1.29 14.05
C ALA A 15 1.30 -0.16 13.78
N VAL A 16 0.13 -0.35 13.15
CA VAL A 16 -0.30 -1.69 12.87
C VAL A 16 0.61 -2.34 11.82
N ARG A 17 1.11 -1.61 10.84
CA ARG A 17 2.08 -2.18 9.90
C ARG A 17 3.29 -2.61 10.67
N PHE A 18 3.82 -1.77 11.62
CA PHE A 18 4.98 -2.19 12.35
C PHE A 18 4.72 -3.38 13.19
N VAL A 19 3.66 -3.42 14.00
CA VAL A 19 3.49 -4.55 14.88
C VAL A 19 3.22 -5.90 14.12
N THR A 20 2.53 -5.75 12.99
CA THR A 20 2.26 -7.02 12.25
C THR A 20 3.45 -7.45 11.42
N GLU A 21 4.33 -6.55 11.05
CA GLU A 21 5.60 -6.96 10.37
C GLU A 21 6.61 -7.53 11.37
N SER A 22 6.79 -6.81 12.49
CA SER A 22 7.77 -7.20 13.47
C SER A 22 7.39 -8.30 14.42
N ARG A 23 6.09 -8.44 14.58
CA ARG A 23 5.46 -9.35 15.55
C ARG A 23 5.75 -8.92 16.98
N ARG A 24 6.11 -7.64 17.16
CA ARG A 24 6.31 -7.10 18.53
C ARG A 24 5.27 -6.08 18.81
N ALA A 25 4.70 -6.08 20.00
CA ALA A 25 3.68 -5.08 20.30
C ALA A 25 3.91 -4.39 21.64
N SER A 26 5.15 -4.34 22.15
CA SER A 26 5.38 -3.65 23.39
C SER A 26 5.30 -2.17 23.16
N ILE A 27 4.95 -1.46 24.26
CA ILE A 27 4.94 0.01 24.15
C ILE A 27 6.30 0.52 23.74
N SER A 28 7.37 -0.04 24.34
CA SER A 28 8.69 0.41 23.98
C SER A 28 9.04 0.18 22.51
N ALA A 29 8.56 -0.92 21.90
CA ALA A 29 8.89 -1.16 20.52
C ALA A 29 8.18 -0.14 19.63
N VAL A 30 6.92 0.15 19.93
CA VAL A 30 6.23 1.14 19.13
C VAL A 30 6.84 2.52 19.34
N GLN A 31 7.17 2.88 20.61
CA GLN A 31 7.86 4.14 20.83
C GLN A 31 9.11 4.29 19.99
N ARG A 32 9.90 3.21 19.93
CA ARG A 32 11.20 3.32 19.26
C ARG A 32 11.03 3.43 17.76
N LYS A 33 10.04 2.71 17.22
CA LYS A 33 9.83 2.69 15.77
C LYS A 33 9.35 4.02 15.28
N LEU A 34 8.38 4.63 16.02
CA LEU A 34 7.76 5.85 15.51
C LEU A 34 8.37 7.10 16.13
N LYS A 35 9.25 6.89 17.13
CA LYS A 35 9.94 7.95 17.85
C LYS A 35 8.85 8.83 18.49
N ILE A 36 8.00 8.18 19.28
CA ILE A 36 6.92 8.86 19.97
C ILE A 36 6.96 8.54 21.48
N GLY A 37 6.11 9.25 22.22
CA GLY A 37 6.11 9.06 23.70
C GLY A 37 5.31 7.88 24.18
N TYR A 38 5.51 7.56 25.48
CA TYR A 38 4.85 6.42 26.06
C TYR A 38 3.35 6.48 25.95
N ASN A 39 2.71 7.61 26.34
CA ASN A 39 1.26 7.61 26.38
C ASN A 39 0.69 7.41 24.98
N ARG A 40 1.31 8.06 23.99
CA ARG A 40 0.78 7.97 22.63
C ARG A 40 0.91 6.53 22.12
N ALA A 41 2.08 5.88 22.34
CA ALA A 41 2.25 4.52 21.90
C ALA A 41 1.24 3.60 22.64
N ALA A 42 1.09 3.81 23.94
CA ALA A 42 0.19 2.96 24.68
C ALA A 42 -1.25 3.04 24.22
N ARG A 43 -1.68 4.23 23.88
CA ARG A 43 -3.06 4.36 23.40
C ARG A 43 -3.22 3.63 22.08
N MET A 44 -2.26 3.68 21.17
CA MET A 44 -2.48 2.97 19.93
C MET A 44 -2.52 1.44 20.20
N ILE A 45 -1.67 0.96 21.09
CA ILE A 45 -1.73 -0.51 21.38
C ILE A 45 -3.03 -0.89 21.98
N GLU A 46 -3.62 -0.03 22.84
CA GLU A 46 -4.92 -0.38 23.38
C GLU A 46 -5.98 -0.39 22.23
N ALA A 47 -5.85 0.54 21.26
CA ALA A 47 -6.74 0.53 20.10
C ALA A 47 -6.55 -0.79 19.31
N MET A 48 -5.29 -1.22 19.18
CA MET A 48 -5.11 -2.49 18.49
C MET A 48 -5.76 -3.65 19.21
N GLU A 49 -5.75 -3.64 20.53
CA GLU A 49 -6.41 -4.73 21.22
C GLU A 49 -7.89 -4.67 20.97
N MET A 50 -8.48 -3.46 20.97
CA MET A 50 -9.91 -3.41 20.70
C MET A 50 -10.25 -3.93 19.31
N ALA A 51 -9.35 -3.70 18.37
CA ALA A 51 -9.56 -4.14 16.96
C ALA A 51 -9.16 -5.59 16.73
N GLY A 52 -8.67 -6.28 17.76
CA GLY A 52 -8.31 -7.69 17.56
C GLY A 52 -7.00 -7.90 16.86
N VAL A 53 -6.16 -6.86 16.85
CA VAL A 53 -4.80 -7.01 16.22
C VAL A 53 -3.83 -7.71 17.15
N VAL A 54 -3.97 -7.41 18.45
CA VAL A 54 -3.09 -7.96 19.46
C VAL A 54 -3.91 -8.56 20.59
N THR A 55 -3.31 -9.49 21.31
CA THR A 55 -3.95 -10.04 22.49
C THR A 55 -3.99 -9.04 23.62
N PRO A 56 -4.78 -9.34 24.67
CA PRO A 56 -4.60 -8.62 25.94
C PRO A 56 -3.20 -8.83 26.44
N MET A 57 -2.81 -8.00 27.38
CA MET A 57 -1.50 -8.16 27.97
C MET A 57 -1.41 -9.28 29.01
N ASN A 58 -0.28 -9.94 29.11
CA ASN A 58 -0.14 -10.90 30.18
C ASN A 58 0.22 -10.21 31.46
N THR A 59 0.53 -11.01 32.48
CA THR A 59 0.73 -10.40 33.77
C THR A 59 1.85 -9.37 33.77
N ASN A 60 2.78 -9.49 32.81
CA ASN A 60 3.96 -8.60 32.66
C ASN A 60 3.80 -7.52 31.65
N GLY A 61 2.59 -7.37 31.13
CA GLY A 61 2.34 -6.33 30.11
C GLY A 61 2.70 -6.79 28.73
N SER A 62 3.14 -8.08 28.56
CA SER A 62 3.53 -8.49 27.17
C SER A 62 2.32 -8.92 26.38
N ARG A 63 2.34 -8.72 25.06
CA ARG A 63 1.20 -9.10 24.22
C ARG A 63 1.75 -9.90 23.04
N GLU A 64 0.83 -10.63 22.38
CA GLU A 64 1.12 -11.28 21.14
C GLU A 64 0.33 -10.65 20.00
N VAL A 65 0.97 -10.69 18.84
CA VAL A 65 0.36 -10.10 17.66
C VAL A 65 -0.44 -11.17 16.98
N ILE A 66 -1.75 -10.93 16.77
CA ILE A 66 -2.60 -11.95 16.16
C ILE A 66 -2.71 -11.69 14.65
N ALA A 67 -2.88 -10.47 14.18
CA ALA A 67 -3.22 -10.23 12.82
C ALA A 67 -2.06 -10.56 11.90
N PRO A 68 -2.38 -10.92 10.65
CA PRO A 68 -1.34 -11.15 9.68
C PRO A 68 -0.57 -9.91 9.23
N ALA A 69 0.65 -10.10 8.71
CA ALA A 69 1.39 -8.95 8.19
C ALA A 69 0.67 -8.38 6.94
N PRO A 70 0.99 -7.17 6.55
CA PRO A 70 0.40 -6.62 5.37
C PRO A 70 0.69 -7.47 4.17
N VAL A 71 -0.23 -7.47 3.22
CA VAL A 71 -0.01 -8.18 1.93
C VAL A 71 1.09 -7.51 1.14
N ARG A 72 1.74 -8.30 0.29
CA ARG A 72 2.83 -7.81 -0.55
C ARG A 72 2.46 -7.55 -2.00
N ASP A 73 1.19 -7.71 -2.34
CA ASP A 73 0.69 -7.45 -3.72
C ASP A 73 -0.55 -6.58 -3.67
N GLU B 7 1.88 -0.81 -25.21
CA GLU B 7 0.50 -0.59 -24.74
C GLU B 7 0.63 -0.47 -23.19
N ASP B 8 -0.39 0.06 -22.56
CA ASP B 8 -0.41 0.12 -21.11
C ASP B 8 -1.43 -0.87 -20.58
N ASP B 9 -1.21 -1.29 -19.35
CA ASP B 9 -1.93 -2.45 -18.77
C ASP B 9 -2.41 -2.07 -17.42
N PRO B 10 -3.63 -2.48 -17.00
CA PRO B 10 -4.01 -2.28 -15.61
C PRO B 10 -3.15 -2.99 -14.64
N LEU B 11 -2.49 -4.07 -15.09
CA LEU B 11 -1.71 -4.86 -14.12
C LEU B 11 -0.25 -4.32 -13.93
N TYR B 12 0.05 -3.19 -14.54
CA TYR B 12 1.41 -2.62 -14.49
C TYR B 12 1.92 -2.53 -13.05
N ASP B 13 1.16 -1.91 -12.17
CA ASP B 13 1.74 -1.71 -10.83
C ASP B 13 1.93 -3.06 -10.07
N GLU B 14 1.02 -4.02 -10.32
CA GLU B 14 1.21 -5.32 -9.76
C GLU B 14 2.46 -5.94 -10.27
N ALA B 15 2.70 -5.83 -11.56
CA ALA B 15 3.91 -6.40 -12.16
C ALA B 15 5.17 -5.74 -11.59
N VAL B 16 5.13 -4.43 -11.42
CA VAL B 16 6.30 -3.70 -10.84
C VAL B 16 6.52 -4.16 -9.42
N ARG B 17 5.46 -4.35 -8.65
CA ARG B 17 5.68 -4.82 -7.28
C ARG B 17 6.36 -6.18 -7.34
N PHE B 18 5.94 -7.06 -8.25
CA PHE B 18 6.60 -8.41 -8.32
C PHE B 18 8.05 -8.24 -8.71
N VAL B 19 8.34 -7.51 -9.75
CA VAL B 19 9.72 -7.47 -10.30
C VAL B 19 10.67 -6.80 -9.26
N THR B 20 10.16 -5.77 -8.57
CA THR B 20 11.01 -5.08 -7.61
C THR B 20 11.15 -5.85 -6.30
N GLU B 21 10.20 -6.70 -5.96
CA GLU B 21 10.41 -7.61 -4.78
C GLU B 21 11.23 -8.81 -5.11
N SER B 22 11.01 -9.45 -6.25
CA SER B 22 11.70 -10.66 -6.61
C SER B 22 13.11 -10.44 -7.19
N ARG B 23 13.29 -9.22 -7.77
CA ARG B 23 14.48 -8.88 -8.55
C ARG B 23 14.61 -9.66 -9.85
N ARG B 24 13.49 -10.21 -10.26
CA ARG B 24 13.42 -10.95 -11.53
C ARG B 24 12.52 -10.25 -12.49
N ALA B 25 13.02 -10.03 -13.70
CA ALA B 25 12.33 -9.33 -14.70
C ALA B 25 12.09 -10.09 -15.98
N SER B 26 12.24 -11.38 -16.02
CA SER B 26 12.04 -12.07 -17.26
C SER B 26 10.54 -12.16 -17.56
N ILE B 27 10.26 -12.33 -18.84
CA ILE B 27 8.91 -12.51 -19.28
C ILE B 27 8.31 -13.73 -18.65
N SER B 28 9.06 -14.84 -18.59
CA SER B 28 8.51 -16.05 -18.00
C SER B 28 8.20 -15.86 -16.52
N ALA B 29 9.02 -15.11 -15.76
CA ALA B 29 8.73 -14.93 -14.35
C ALA B 29 7.47 -14.14 -14.18
N VAL B 30 7.28 -13.10 -14.94
CA VAL B 30 6.07 -12.28 -14.82
C VAL B 30 4.84 -13.10 -15.29
N GLN B 31 4.97 -13.84 -16.39
CA GLN B 31 3.90 -14.76 -16.77
C GLN B 31 3.45 -15.68 -15.67
N ARG B 32 4.41 -16.29 -14.99
CA ARG B 32 4.08 -17.35 -13.97
C ARG B 32 3.48 -16.67 -12.75
N LYS B 33 3.92 -15.46 -12.41
CA LYS B 33 3.40 -14.78 -11.20
C LYS B 33 1.95 -14.34 -11.44
N LEU B 34 1.67 -13.76 -12.63
CA LEU B 34 0.36 -13.15 -12.86
C LEU B 34 -0.57 -14.07 -13.64
N LYS B 35 -0.05 -15.26 -14.07
CA LYS B 35 -0.82 -16.22 -14.81
C LYS B 35 -1.38 -15.58 -16.07
N ILE B 36 -0.45 -14.98 -16.88
CA ILE B 36 -0.87 -14.23 -18.09
C ILE B 36 0.01 -14.71 -19.27
N GLY B 37 -0.37 -14.34 -20.50
CA GLY B 37 0.34 -14.72 -21.73
C GLY B 37 1.63 -13.99 -21.91
N TYR B 38 2.42 -14.53 -22.86
CA TYR B 38 3.73 -13.99 -23.10
C TYR B 38 3.66 -12.56 -23.56
N ASN B 39 2.85 -12.25 -24.54
CA ASN B 39 2.88 -10.88 -25.09
C ASN B 39 2.37 -9.87 -24.07
N ARG B 40 1.36 -10.25 -23.26
CA ARG B 40 0.94 -9.33 -22.21
C ARG B 40 2.09 -9.04 -21.22
N ALA B 41 2.77 -10.08 -20.80
CA ALA B 41 3.86 -9.86 -19.88
C ALA B 41 4.96 -9.07 -20.51
N ALA B 42 5.31 -9.39 -21.78
CA ALA B 42 6.38 -8.68 -22.43
C ALA B 42 6.08 -7.21 -22.56
N ARG B 43 4.86 -6.84 -22.91
CA ARG B 43 4.58 -5.42 -23.08
C ARG B 43 4.72 -4.68 -21.72
N MET B 44 4.34 -5.33 -20.61
CA MET B 44 4.53 -4.59 -19.33
C MET B 44 5.99 -4.42 -19.02
N ILE B 45 6.83 -5.42 -19.36
CA ILE B 45 8.24 -5.24 -19.04
C ILE B 45 8.86 -4.19 -19.94
N GLU B 46 8.40 -4.08 -21.20
CA GLU B 46 8.84 -2.92 -22.04
C GLU B 46 8.43 -1.59 -21.41
N ALA B 47 7.22 -1.55 -20.84
CA ALA B 47 6.80 -0.33 -20.16
C ALA B 47 7.68 -0.03 -18.96
N MET B 48 8.15 -1.05 -18.21
CA MET B 48 9.03 -0.88 -17.06
C MET B 48 10.36 -0.34 -17.56
N GLU B 49 10.82 -0.80 -18.73
CA GLU B 49 12.08 -0.22 -19.27
C GLU B 49 11.92 1.27 -19.54
N MET B 50 10.84 1.60 -20.19
CA MET B 50 10.53 3.02 -20.46
C MET B 50 10.46 3.86 -19.21
N ALA B 51 9.99 3.28 -18.13
CA ALA B 51 9.90 4.00 -16.88
C ALA B 51 11.16 3.93 -16.04
N GLY B 52 12.22 3.23 -16.49
CA GLY B 52 13.42 3.20 -15.69
C GLY B 52 13.46 2.19 -14.56
N VAL B 53 12.50 1.22 -14.57
CA VAL B 53 12.45 0.27 -13.50
C VAL B 53 13.38 -0.90 -13.73
N VAL B 54 13.64 -1.18 -15.03
CA VAL B 54 14.55 -2.30 -15.43
C VAL B 54 15.47 -1.76 -16.48
N THR B 55 16.60 -2.49 -16.64
CA THR B 55 17.56 -2.18 -17.71
C THR B 55 17.04 -2.61 -19.06
N PRO B 56 17.68 -2.15 -20.15
CA PRO B 56 17.50 -2.82 -21.39
C PRO B 56 17.91 -4.30 -21.28
N MET B 57 17.43 -5.07 -22.24
CA MET B 57 17.83 -6.45 -22.33
C MET B 57 19.30 -6.66 -22.80
N ASN B 58 20.00 -7.62 -22.20
CA ASN B 58 21.23 -8.15 -22.82
C ASN B 58 20.91 -8.81 -24.16
N THR B 59 21.94 -9.16 -24.97
CA THR B 59 21.59 -9.72 -26.25
C THR B 59 21.01 -11.14 -26.12
N ASN B 60 21.15 -11.79 -24.95
CA ASN B 60 20.52 -13.09 -24.72
C ASN B 60 19.16 -12.94 -24.04
N GLY B 61 18.65 -11.69 -23.93
CA GLY B 61 17.27 -11.43 -23.42
C GLY B 61 17.19 -11.17 -21.90
N SER B 62 18.29 -11.35 -21.17
CA SER B 62 18.28 -11.09 -19.68
C SER B 62 18.22 -9.60 -19.39
N ARG B 63 17.62 -9.23 -18.29
CA ARG B 63 17.58 -7.79 -17.82
C ARG B 63 17.86 -7.78 -16.33
N GLU B 64 18.20 -6.56 -15.81
CA GLU B 64 18.36 -6.37 -14.36
C GLU B 64 17.26 -5.41 -13.89
N VAL B 65 16.88 -5.56 -12.62
CA VAL B 65 15.93 -4.63 -12.01
C VAL B 65 16.74 -3.51 -11.31
N ILE B 66 16.36 -2.27 -11.64
CA ILE B 66 17.06 -1.11 -11.09
C ILE B 66 16.30 -0.55 -9.87
N ALA B 67 15.00 -0.40 -9.95
CA ALA B 67 14.23 0.29 -8.94
C ALA B 67 14.23 -0.41 -7.62
N PRO B 68 14.13 0.35 -6.56
CA PRO B 68 14.10 -0.32 -5.23
C PRO B 68 12.77 -1.10 -5.01
N ALA B 69 12.77 -2.07 -4.05
CA ALA B 69 11.57 -2.81 -3.67
C ALA B 69 10.57 -1.81 -3.09
N PRO B 70 9.27 -2.17 -3.07
CA PRO B 70 8.33 -1.28 -2.45
C PRO B 70 8.63 -1.02 -0.94
N VAL B 71 8.29 0.13 -0.42
CA VAL B 71 8.53 0.40 0.99
C VAL B 71 7.55 -0.41 1.87
N ASP C 8 -7.90 -19.91 -6.28
CA ASP C 8 -7.27 -18.65 -5.85
C ASP C 8 -6.40 -18.09 -6.91
N ASP C 9 -6.33 -16.79 -6.92
CA ASP C 9 -5.72 -16.11 -8.08
C ASP C 9 -4.75 -15.04 -7.55
N PRO C 10 -3.58 -14.82 -8.24
CA PRO C 10 -2.71 -13.75 -7.82
C PRO C 10 -3.35 -12.38 -7.88
N LEU C 11 -4.37 -12.25 -8.75
CA LEU C 11 -4.98 -10.91 -8.85
C LEU C 11 -6.03 -10.62 -7.86
N TYR C 12 -6.22 -11.48 -6.89
CA TYR C 12 -7.30 -11.28 -5.96
C TYR C 12 -7.26 -9.91 -5.27
N ASP C 13 -6.10 -9.56 -4.67
CA ASP C 13 -6.05 -8.30 -3.95
C ASP C 13 -6.32 -7.11 -4.88
N GLU C 14 -5.86 -7.17 -6.14
CA GLU C 14 -6.10 -6.06 -7.10
C GLU C 14 -7.59 -5.99 -7.38
N ALA C 15 -8.24 -7.14 -7.53
CA ALA C 15 -9.68 -7.17 -7.73
C ALA C 15 -10.39 -6.61 -6.54
N VAL C 16 -10.02 -6.92 -5.31
CA VAL C 16 -10.67 -6.37 -4.15
C VAL C 16 -10.45 -4.88 -4.10
N ARG C 17 -9.25 -4.38 -4.41
CA ARG C 17 -9.07 -2.88 -4.52
C ARG C 17 -10.09 -2.29 -5.46
N PHE C 18 -10.24 -2.87 -6.65
CA PHE C 18 -11.19 -2.28 -7.60
C PHE C 18 -12.60 -2.32 -7.08
N VAL C 19 -13.02 -3.48 -6.61
CA VAL C 19 -14.42 -3.59 -6.19
C VAL C 19 -14.75 -2.61 -5.05
N THR C 20 -13.84 -2.59 -4.09
CA THR C 20 -14.10 -1.75 -2.89
C THR C 20 -13.93 -0.27 -3.20
N GLU C 21 -13.18 0.13 -4.21
CA GLU C 21 -13.11 1.57 -4.60
C GLU C 21 -14.31 1.93 -5.48
N SER C 22 -14.65 1.10 -6.46
CA SER C 22 -15.74 1.45 -7.39
C SER C 22 -17.10 1.13 -6.83
N ARG C 23 -17.16 0.25 -5.82
CA ARG C 23 -18.42 -0.29 -5.27
C ARG C 23 -19.21 -1.07 -6.29
N ARG C 24 -18.53 -1.59 -7.31
CA ARG C 24 -19.16 -2.42 -8.33
C ARG C 24 -18.57 -3.81 -8.25
N ALA C 25 -19.40 -4.84 -8.25
CA ALA C 25 -18.90 -6.18 -8.14
C ALA C 25 -19.37 -7.11 -9.24
N SER C 26 -19.73 -6.63 -10.38
CA SER C 26 -20.19 -7.53 -11.40
C SER C 26 -19.00 -8.16 -12.05
N ILE C 27 -19.27 -9.34 -12.63
CA ILE C 27 -18.19 -10.01 -13.40
C ILE C 27 -17.76 -9.10 -14.51
N SER C 28 -18.71 -8.46 -15.20
CA SER C 28 -18.33 -7.61 -16.32
C SER C 28 -17.38 -6.48 -15.90
N ALA C 29 -17.66 -5.87 -14.74
CA ALA C 29 -16.86 -4.72 -14.30
C ALA C 29 -15.47 -5.19 -13.96
N VAL C 30 -15.34 -6.36 -13.31
CA VAL C 30 -13.98 -6.88 -13.01
C VAL C 30 -13.28 -7.22 -14.33
N GLN C 31 -13.96 -7.88 -15.28
CA GLN C 31 -13.34 -8.17 -16.56
C GLN C 31 -12.83 -6.93 -17.22
N ARG C 32 -13.61 -5.86 -17.21
CA ARG C 32 -13.19 -4.67 -18.01
C ARG C 32 -12.05 -3.94 -17.29
N LYS C 33 -12.00 -4.02 -15.95
CA LYS C 33 -10.97 -3.29 -15.22
C LYS C 33 -9.65 -4.03 -15.40
N LEU C 34 -9.64 -5.38 -15.29
CA LEU C 34 -8.37 -6.13 -15.26
C LEU C 34 -8.03 -6.71 -16.59
N LYS C 35 -8.97 -6.57 -17.55
CA LYS C 35 -8.81 -7.07 -18.93
C LYS C 35 -8.59 -8.57 -18.92
N ILE C 36 -9.54 -9.27 -18.26
CA ILE C 36 -9.43 -10.71 -18.13
C ILE C 36 -10.77 -11.35 -18.57
N GLY C 37 -10.74 -12.69 -18.64
CA GLY C 37 -11.90 -13.41 -19.11
C GLY C 37 -12.95 -13.62 -18.03
N TYR C 38 -14.09 -14.12 -18.50
CA TYR C 38 -15.25 -14.36 -17.63
C TYR C 38 -14.88 -15.31 -16.51
N ASN C 39 -14.29 -16.47 -16.83
CA ASN C 39 -14.19 -17.48 -15.81
C ASN C 39 -13.22 -16.97 -14.70
N ARG C 40 -12.16 -16.31 -15.12
CA ARG C 40 -11.17 -15.82 -14.12
C ARG C 40 -11.84 -14.78 -13.21
N ALA C 41 -12.59 -13.85 -13.82
CA ALA C 41 -13.25 -12.79 -13.02
C ALA C 41 -14.26 -13.47 -12.11
N ALA C 42 -15.04 -14.42 -12.62
CA ALA C 42 -16.09 -15.04 -11.82
C ALA C 42 -15.48 -15.80 -10.64
N ARG C 43 -14.33 -16.44 -10.80
CA ARG C 43 -13.73 -17.16 -9.66
C ARG C 43 -13.32 -16.14 -8.55
N MET C 44 -12.76 -14.99 -8.95
CA MET C 44 -12.29 -14.08 -7.91
C MET C 44 -13.47 -13.48 -7.20
N ILE C 45 -14.59 -13.22 -7.88
CA ILE C 45 -15.78 -12.72 -7.18
C ILE C 45 -16.30 -13.74 -6.21
N GLU C 46 -16.29 -15.03 -6.59
CA GLU C 46 -16.67 -16.08 -5.61
C GLU C 46 -15.70 -16.08 -4.44
N ALA C 47 -14.42 -15.88 -4.68
CA ALA C 47 -13.50 -15.80 -3.54
C ALA C 47 -13.87 -14.61 -2.65
N MET C 48 -14.24 -13.51 -3.24
CA MET C 48 -14.60 -12.34 -2.43
C MET C 48 -15.87 -12.62 -1.63
N GLU C 49 -16.78 -13.38 -2.17
CA GLU C 49 -17.99 -13.70 -1.35
C GLU C 49 -17.56 -14.58 -0.15
N MET C 50 -16.70 -15.56 -0.38
CA MET C 50 -16.28 -16.40 0.78
C MET C 50 -15.54 -15.57 1.83
N ALA C 51 -14.82 -14.50 1.41
CA ALA C 51 -14.07 -13.65 2.34
C ALA C 51 -14.91 -12.51 2.89
N GLY C 52 -16.19 -12.48 2.54
CA GLY C 52 -17.07 -11.45 3.10
C GLY C 52 -16.83 -10.06 2.48
N VAL C 53 -16.19 -9.95 1.32
CA VAL C 53 -15.96 -8.65 0.67
C VAL C 53 -17.21 -8.19 -0.09
N VAL C 54 -17.95 -9.16 -0.66
CA VAL C 54 -19.16 -8.85 -1.41
C VAL C 54 -20.27 -9.80 -0.88
N THR C 55 -21.50 -9.40 -1.14
CA THR C 55 -22.65 -10.30 -0.78
C THR C 55 -22.78 -11.47 -1.74
N PRO C 56 -23.49 -12.52 -1.36
CA PRO C 56 -23.94 -13.48 -2.39
C PRO C 56 -24.76 -12.79 -3.50
N MET C 57 -24.95 -13.48 -4.63
CA MET C 57 -25.77 -12.91 -5.74
C MET C 57 -27.23 -12.86 -5.29
N ASN C 58 -27.91 -11.82 -5.71
CA ASN C 58 -29.33 -11.93 -5.59
C ASN C 58 -29.95 -12.22 -7.02
N GLY C 61 -29.91 -9.96 -10.00
CA GLY C 61 -28.72 -10.67 -10.66
C GLY C 61 -27.42 -9.97 -10.28
N SER C 62 -27.37 -9.58 -9.05
CA SER C 62 -26.34 -8.64 -8.68
C SER C 62 -25.90 -8.77 -7.26
N ARG C 63 -24.80 -8.11 -6.95
CA ARG C 63 -24.16 -8.23 -5.62
C ARG C 63 -23.86 -6.87 -5.10
N GLU C 64 -23.78 -6.78 -3.75
CA GLU C 64 -23.36 -5.52 -3.12
C GLU C 64 -21.95 -5.66 -2.57
N VAL C 65 -21.22 -4.53 -2.59
CA VAL C 65 -19.92 -4.50 -1.96
C VAL C 65 -20.09 -4.17 -0.53
N ILE C 66 -19.49 -4.99 0.34
CA ILE C 66 -19.58 -4.82 1.80
C ILE C 66 -18.33 -4.19 2.34
N ALA C 67 -17.19 -4.64 1.91
CA ALA C 67 -15.99 -4.17 2.59
C ALA C 67 -15.72 -2.72 2.34
N PRO C 68 -15.00 -2.06 3.24
CA PRO C 68 -14.50 -0.71 2.98
C PRO C 68 -13.45 -0.61 1.89
N ALA C 69 -13.27 0.60 1.37
CA ALA C 69 -12.20 0.87 0.44
C ALA C 69 -10.87 0.77 1.12
N PRO C 70 -9.77 0.65 0.37
CA PRO C 70 -8.45 0.66 1.01
C PRO C 70 -8.16 1.95 1.80
N VAL C 71 -7.39 1.88 2.88
CA VAL C 71 -7.04 3.10 3.60
C VAL C 71 -6.16 3.99 2.72
N ARG C 72 -5.43 3.43 1.87
N SER D 6 17.37 15.13 14.01
CA SER D 6 16.40 14.40 13.19
C SER D 6 16.39 14.73 11.70
N GLU D 7 17.47 14.45 10.98
CA GLU D 7 17.40 14.57 9.51
C GLU D 7 16.47 13.61 8.78
N ASP D 8 16.44 12.34 9.20
CA ASP D 8 15.50 11.38 8.62
C ASP D 8 14.54 10.91 9.70
N ASP D 9 13.33 10.66 9.32
CA ASP D 9 12.23 10.42 10.27
C ASP D 9 11.51 9.17 9.87
N PRO D 10 11.09 8.27 10.80
CA PRO D 10 10.25 7.14 10.38
C PRO D 10 8.95 7.55 9.80
N LEU D 11 8.44 8.76 10.11
CA LEU D 11 7.15 9.19 9.58
C LEU D 11 7.29 9.78 8.19
N TYR D 12 8.48 9.71 7.54
CA TYR D 12 8.60 10.36 6.23
C TYR D 12 7.59 9.90 5.26
N ASP D 13 7.43 8.59 5.06
CA ASP D 13 6.51 8.14 4.02
C ASP D 13 5.08 8.53 4.33
N GLU D 14 4.66 8.47 5.61
CA GLU D 14 3.34 8.91 6.00
C GLU D 14 3.12 10.40 5.66
N ALA D 15 4.12 11.22 5.95
CA ALA D 15 4.06 12.68 5.63
C ALA D 15 3.96 12.87 4.14
N VAL D 16 4.70 12.07 3.32
CA VAL D 16 4.59 12.18 1.86
C VAL D 16 3.19 11.77 1.41
N ARG D 17 2.65 10.68 1.97
CA ARG D 17 1.27 10.39 1.59
C ARG D 17 0.34 11.51 1.85
N PHE D 18 0.50 12.17 3.01
CA PHE D 18 -0.42 13.27 3.31
C PHE D 18 -0.20 14.42 2.35
N VAL D 19 1.06 14.81 2.13
CA VAL D 19 1.30 16.01 1.27
C VAL D 19 0.84 15.76 -0.16
N THR D 20 1.06 14.52 -0.64
CA THR D 20 0.69 14.23 -2.02
C THR D 20 -0.76 13.99 -2.20
N GLU D 21 -1.53 13.62 -1.14
CA GLU D 21 -2.99 13.49 -1.24
C GLU D 21 -3.57 14.88 -1.09
N SER D 22 -3.18 15.63 -0.06
CA SER D 22 -3.80 16.94 0.23
C SER D 22 -3.37 18.08 -0.69
N ARG D 23 -2.20 17.94 -1.27
CA ARG D 23 -1.53 18.93 -2.05
C ARG D 23 -1.12 20.16 -1.21
N ARG D 24 -0.97 19.93 0.08
CA ARG D 24 -0.58 21.00 1.00
C ARG D 24 0.76 20.59 1.63
N ALA D 25 1.75 21.46 1.65
CA ALA D 25 3.04 21.10 2.16
C ALA D 25 3.46 22.09 3.28
N SER D 26 2.53 22.75 3.92
CA SER D 26 3.03 23.61 4.99
C SER D 26 3.39 22.80 6.21
N ILE D 27 4.27 23.43 6.99
CA ILE D 27 4.64 22.82 8.27
C ILE D 27 3.36 22.69 9.10
N SER D 28 2.53 23.72 9.16
CA SER D 28 1.41 23.62 10.00
C SER D 28 0.46 22.50 9.56
N ALA D 29 0.26 22.30 8.23
CA ALA D 29 -0.65 21.24 7.77
C ALA D 29 -0.08 19.87 8.21
N VAL D 30 1.21 19.69 8.05
CA VAL D 30 1.84 18.39 8.48
C VAL D 30 1.77 18.20 9.99
N GLN D 31 2.00 19.27 10.79
CA GLN D 31 1.83 19.16 12.22
C GLN D 31 0.44 18.72 12.63
N ARG D 32 -0.59 19.30 11.97
CA ARG D 32 -1.96 19.03 12.35
C ARG D 32 -2.38 17.65 11.91
N LYS D 33 -1.83 17.16 10.81
CA LYS D 33 -2.22 15.82 10.31
C LYS D 33 -1.59 14.76 11.22
N LEU D 34 -0.28 14.92 11.54
CA LEU D 34 0.44 13.86 12.23
C LEU D 34 0.51 14.10 13.75
N LYS D 35 0.00 15.24 14.22
CA LYS D 35 -0.02 15.61 15.60
C LYS D 35 1.40 15.59 16.17
N ILE D 36 2.29 16.35 15.48
CA ILE D 36 3.71 16.39 15.90
C ILE D 36 4.13 17.85 16.05
N GLY D 37 5.35 18.06 16.56
CA GLY D 37 5.81 19.45 16.78
C GLY D 37 6.39 20.08 15.50
N TYR D 38 6.55 21.37 15.61
CA TYR D 38 6.93 22.20 14.47
C TYR D 38 8.25 21.72 13.88
N ASN D 39 9.32 21.52 14.69
CA ASN D 39 10.60 21.21 14.09
C ASN D 39 10.59 19.83 13.44
N ARG D 40 9.91 18.86 14.09
CA ARG D 40 9.83 17.58 13.47
C ARG D 40 9.15 17.64 12.10
N ALA D 41 8.07 18.39 11.99
CA ALA D 41 7.40 18.50 10.70
C ALA D 41 8.27 19.26 9.69
N ALA D 42 8.95 20.28 10.18
CA ALA D 42 9.80 21.06 9.26
C ALA D 42 10.91 20.23 8.74
N ARG D 43 11.56 19.37 9.56
CA ARG D 43 12.65 18.58 8.96
C ARG D 43 12.09 17.61 7.90
N MET D 44 10.90 17.03 8.10
CA MET D 44 10.39 16.15 7.06
C MET D 44 10.14 16.91 5.78
N ILE D 45 9.61 18.14 5.89
CA ILE D 45 9.38 18.88 4.66
C ILE D 45 10.71 19.21 3.92
N GLU D 46 11.75 19.51 4.71
CA GLU D 46 13.12 19.68 4.08
C GLU D 46 13.54 18.43 3.37
N ALA D 47 13.27 17.25 3.93
CA ALA D 47 13.62 15.98 3.27
C ALA D 47 12.81 15.87 2.00
N MET D 48 11.54 16.26 2.01
CA MET D 48 10.75 16.14 0.81
C MET D 48 11.30 17.09 -0.26
N GLU D 49 11.80 18.28 0.14
CA GLU D 49 12.42 19.18 -0.88
C GLU D 49 13.64 18.53 -1.53
N MET D 50 14.50 17.96 -0.70
CA MET D 50 15.64 17.28 -1.30
C MET D 50 15.27 16.12 -2.22
N ALA D 51 14.17 15.39 -1.88
CA ALA D 51 13.75 14.25 -2.69
C ALA D 51 12.92 14.66 -3.89
N GLY D 52 12.68 15.96 -4.07
CA GLY D 52 11.90 16.48 -5.20
C GLY D 52 10.41 16.22 -5.08
N VAL D 53 9.88 16.01 -3.85
CA VAL D 53 8.45 15.76 -3.70
C VAL D 53 7.74 17.11 -3.60
N VAL D 54 8.40 18.16 -3.03
CA VAL D 54 7.85 19.53 -2.94
C VAL D 54 8.85 20.51 -3.53
N THR D 55 8.40 21.72 -3.88
CA THR D 55 9.37 22.72 -4.36
C THR D 55 10.07 23.34 -3.12
N PRO D 56 11.10 24.11 -3.36
CA PRO D 56 11.58 25.02 -2.34
C PRO D 56 10.53 26.02 -1.93
N MET D 57 10.69 26.62 -0.76
CA MET D 57 9.77 27.64 -0.32
C MET D 57 10.03 28.88 -1.19
N ASN D 58 8.97 29.55 -1.56
CA ASN D 58 9.18 30.76 -2.31
C ASN D 58 9.19 31.97 -1.41
N THR D 59 9.27 33.17 -2.00
CA THR D 59 9.43 34.33 -1.24
C THR D 59 8.32 34.47 -0.22
N ASN D 60 7.10 34.08 -0.60
CA ASN D 60 5.93 34.22 0.23
C ASN D 60 5.71 33.10 1.19
N GLY D 61 6.68 32.20 1.24
CA GLY D 61 6.62 31.10 2.20
C GLY D 61 5.93 29.82 1.80
N SER D 62 5.38 29.79 0.59
CA SER D 62 4.65 28.65 0.04
C SER D 62 5.49 27.67 -0.72
N ARG D 63 5.05 26.41 -0.71
CA ARG D 63 5.64 25.40 -1.55
C ARG D 63 4.52 24.81 -2.32
N GLU D 64 4.86 24.28 -3.48
CA GLU D 64 3.89 23.45 -4.19
C GLU D 64 4.32 21.99 -4.04
N VAL D 65 3.34 21.11 -4.13
CA VAL D 65 3.62 19.65 -4.11
C VAL D 65 3.84 19.23 -5.55
N ILE D 66 4.98 18.63 -5.83
CA ILE D 66 5.29 18.22 -7.21
C ILE D 66 4.80 16.77 -7.42
N ALA D 67 5.16 15.88 -6.50
CA ALA D 67 4.96 14.44 -6.73
C ALA D 67 3.50 14.08 -6.86
N PRO D 68 3.25 13.01 -7.56
CA PRO D 68 1.88 12.52 -7.72
C PRO D 68 1.33 11.95 -6.43
N ALA D 69 -0.01 11.87 -6.29
CA ALA D 69 -0.57 11.20 -5.13
C ALA D 69 -0.25 9.67 -5.22
N PRO D 70 -0.40 8.91 -4.11
CA PRO D 70 -0.15 7.47 -4.16
C PRO D 70 -1.12 6.76 -5.12
N VAL D 71 -0.67 5.69 -5.80
CA VAL D 71 -1.62 4.93 -6.64
C VAL D 71 -2.69 4.24 -5.88
N ARG D 72 -3.81 4.00 -6.59
CA ARG D 72 -4.94 3.39 -6.00
C ARG D 72 -5.05 1.91 -6.36
N ASP D 73 -4.03 1.36 -7.04
CA ASP D 73 -4.08 -0.05 -7.42
C ASP D 73 -2.86 -0.80 -6.78
N SER E 6 4.12 -28.67 9.94
CA SER E 6 5.07 -29.46 9.11
C SER E 6 4.40 -29.96 7.90
N GLU E 7 5.09 -30.72 7.07
CA GLU E 7 4.45 -31.24 5.86
C GLU E 7 3.31 -32.18 6.15
N ASP E 8 3.26 -32.73 7.35
CA ASP E 8 2.12 -33.60 7.77
C ASP E 8 1.00 -32.87 8.52
N ASP E 9 1.12 -31.55 8.56
CA ASP E 9 0.07 -30.77 9.21
C ASP E 9 -1.24 -31.02 8.41
N PRO E 10 -2.40 -31.18 9.12
CA PRO E 10 -3.64 -31.47 8.43
C PRO E 10 -4.14 -30.46 7.46
N LEU E 11 -3.54 -29.27 7.42
CA LEU E 11 -3.89 -28.27 6.41
C LEU E 11 -2.73 -27.94 5.45
N TYR E 12 -1.58 -28.60 5.57
CA TYR E 12 -0.46 -28.29 4.72
C TYR E 12 -0.83 -28.44 3.25
N ASP E 13 -1.52 -29.53 2.86
CA ASP E 13 -1.75 -29.73 1.43
C ASP E 13 -2.59 -28.62 0.84
N GLU E 14 -3.55 -28.10 1.64
CA GLU E 14 -4.32 -26.99 1.08
C GLU E 14 -3.49 -25.72 1.09
N ALA E 15 -2.59 -25.54 2.07
CA ALA E 15 -1.70 -24.34 1.96
C ALA E 15 -0.90 -24.45 0.68
N VAL E 16 -0.38 -25.63 0.32
CA VAL E 16 0.42 -25.70 -0.91
C VAL E 16 -0.44 -25.46 -2.14
N ARG E 17 -1.65 -26.00 -2.15
CA ARG E 17 -2.55 -25.76 -3.28
C ARG E 17 -2.79 -24.27 -3.41
N PHE E 18 -3.01 -23.60 -2.27
CA PHE E 18 -3.31 -22.17 -2.33
C PHE E 18 -2.08 -21.39 -2.79
N VAL E 19 -0.89 -21.72 -2.30
CA VAL E 19 0.31 -20.94 -2.73
C VAL E 19 0.56 -21.18 -4.22
N THR E 20 0.38 -22.41 -4.68
CA THR E 20 0.74 -22.70 -6.06
C THR E 20 -0.33 -22.15 -7.04
N GLU E 21 -1.60 -22.04 -6.63
CA GLU E 21 -2.63 -21.36 -7.47
C GLU E 21 -2.47 -19.88 -7.40
N SER E 22 -2.34 -19.32 -6.19
CA SER E 22 -2.37 -17.86 -6.02
C SER E 22 -1.02 -17.21 -6.37
N ARG E 23 0.04 -18.03 -6.39
CA ARG E 23 1.42 -17.52 -6.59
C ARG E 23 1.89 -16.62 -5.47
N ARG E 24 1.23 -16.68 -4.28
CA ARG E 24 1.59 -15.83 -3.14
C ARG E 24 2.30 -16.66 -2.11
N ALA E 25 3.62 -16.53 -2.02
CA ALA E 25 4.48 -17.34 -1.11
C ALA E 25 4.70 -16.52 0.13
N SER E 26 3.67 -16.22 0.89
CA SER E 26 3.82 -15.42 2.12
C SER E 26 3.03 -16.04 3.24
N ILE E 27 3.54 -15.79 4.44
CA ILE E 27 2.84 -16.31 5.63
C ILE E 27 1.51 -15.58 5.72
N SER E 28 1.45 -14.29 5.41
CA SER E 28 0.19 -13.56 5.50
C SER E 28 -0.86 -14.14 4.60
N ALA E 29 -0.51 -14.49 3.36
CA ALA E 29 -1.51 -15.00 2.42
C ALA E 29 -2.04 -16.34 2.96
N VAL E 30 -1.13 -17.18 3.48
CA VAL E 30 -1.56 -18.49 4.03
C VAL E 30 -2.44 -18.30 5.28
N GLN E 31 -2.01 -17.40 6.17
CA GLN E 31 -2.90 -17.16 7.34
C GLN E 31 -4.25 -16.67 6.96
N ARG E 32 -4.32 -15.81 5.97
CA ARG E 32 -5.66 -15.26 5.55
C ARG E 32 -6.53 -16.28 4.85
N LYS E 33 -5.90 -17.18 4.08
CA LYS E 33 -6.65 -18.30 3.43
C LYS E 33 -7.13 -19.29 4.44
N LEU E 34 -6.22 -19.80 5.29
CA LEU E 34 -6.57 -20.98 6.09
C LEU E 34 -7.19 -20.61 7.41
N LYS E 35 -7.11 -19.32 7.81
CA LYS E 35 -7.65 -18.91 9.15
C LYS E 35 -6.87 -19.55 10.28
N ILE E 36 -5.56 -19.51 10.16
CA ILE E 36 -4.74 -20.14 11.15
C ILE E 36 -3.81 -19.08 11.71
N GLY E 37 -3.11 -19.43 12.79
CA GLY E 37 -2.26 -18.50 13.43
C GLY E 37 -0.91 -18.31 12.73
N TYR E 38 -0.25 -17.21 13.10
CA TYR E 38 1.03 -16.87 12.46
C TYR E 38 2.05 -17.95 12.58
N ASN E 39 2.22 -18.51 13.78
CA ASN E 39 3.33 -19.48 13.95
C ASN E 39 3.10 -20.71 13.04
N ARG E 40 1.89 -21.22 13.07
CA ARG E 40 1.56 -22.40 12.25
C ARG E 40 1.82 -22.08 10.77
N ALA E 41 1.42 -20.91 10.30
CA ALA E 41 1.60 -20.58 8.87
C ALA E 41 3.04 -20.42 8.58
N ALA E 42 3.80 -19.85 9.51
CA ALA E 42 5.27 -19.71 9.29
C ALA E 42 5.94 -21.06 9.16
N ARG E 43 5.53 -22.02 9.98
CA ARG E 43 6.15 -23.34 9.84
C ARG E 43 5.73 -23.98 8.54
N MET E 44 4.53 -23.72 8.03
CA MET E 44 4.18 -24.34 6.75
C MET E 44 5.06 -23.77 5.68
N ILE E 45 5.27 -22.46 5.67
CA ILE E 45 6.06 -21.87 4.57
C ILE E 45 7.47 -22.42 4.65
N GLU E 46 7.99 -22.60 5.86
CA GLU E 46 9.35 -23.20 5.99
C GLU E 46 9.35 -24.63 5.43
N ALA E 47 8.26 -25.38 5.68
CA ALA E 47 8.18 -26.73 5.08
C ALA E 47 8.12 -26.67 3.56
N MET E 48 7.42 -25.67 3.02
CA MET E 48 7.40 -25.50 1.57
C MET E 48 8.78 -25.15 1.04
N GLU E 49 9.56 -24.36 1.75
CA GLU E 49 10.93 -24.05 1.28
C GLU E 49 11.78 -25.30 1.29
N MET E 50 11.65 -26.10 2.34
CA MET E 50 12.46 -27.32 2.42
C MET E 50 12.08 -28.28 1.25
N ALA E 51 10.81 -28.29 0.86
CA ALA E 51 10.38 -29.14 -0.24
C ALA E 51 10.64 -28.58 -1.61
N GLY E 52 11.11 -27.34 -1.70
CA GLY E 52 11.24 -26.76 -3.01
C GLY E 52 9.98 -26.22 -3.68
N VAL E 53 8.94 -25.93 -2.89
CA VAL E 53 7.72 -25.42 -3.43
C VAL E 53 7.82 -23.91 -3.52
N VAL E 54 8.50 -23.27 -2.55
CA VAL E 54 8.80 -21.78 -2.61
C VAL E 54 10.29 -21.56 -2.45
N THR E 55 10.76 -20.40 -2.92
CA THR E 55 12.13 -20.11 -2.75
C THR E 55 12.40 -19.78 -1.29
N PRO E 56 13.69 -19.82 -0.93
CA PRO E 56 14.06 -19.16 0.31
C PRO E 56 13.77 -17.65 0.26
N MET E 57 13.77 -16.97 1.42
CA MET E 57 13.60 -15.50 1.38
C MET E 57 14.79 -14.91 0.75
N ASN E 58 14.58 -13.90 -0.08
CA ASN E 58 15.69 -13.19 -0.78
C ASN E 58 16.17 -12.06 0.11
N THR E 59 17.10 -11.28 -0.42
CA THR E 59 17.76 -10.32 0.45
C THR E 59 16.76 -9.27 0.95
N ASN E 60 15.64 -9.01 0.27
CA ASN E 60 14.67 -8.07 0.77
C ASN E 60 13.50 -8.72 1.51
N GLY E 61 13.56 -10.01 1.73
CA GLY E 61 12.57 -10.66 2.59
C GLY E 61 11.45 -11.22 1.80
N SER E 62 11.54 -11.38 0.48
CA SER E 62 10.42 -11.84 -0.41
C SER E 62 10.73 -13.28 -0.80
N ARG E 63 9.68 -14.06 -1.02
CA ARG E 63 9.85 -15.36 -1.61
C ARG E 63 8.95 -15.41 -2.83
N GLU E 64 9.26 -16.41 -3.68
CA GLU E 64 8.37 -16.66 -4.84
C GLU E 64 8.02 -18.13 -4.91
N VAL E 65 6.97 -18.44 -5.65
CA VAL E 65 6.58 -19.84 -5.79
C VAL E 65 7.33 -20.46 -6.93
N ILE E 66 7.91 -21.63 -6.66
CA ILE E 66 8.63 -22.42 -7.64
C ILE E 66 7.72 -23.44 -8.31
N ALA E 67 6.93 -24.16 -7.49
CA ALA E 67 6.14 -25.21 -8.06
C ALA E 67 5.06 -24.66 -9.01
N PRO E 68 4.69 -25.45 -10.00
CA PRO E 68 3.75 -25.00 -10.96
C PRO E 68 2.39 -25.02 -10.38
N ALA E 69 1.55 -24.18 -10.99
CA ALA E 69 0.17 -24.19 -10.58
C ALA E 69 -0.45 -25.54 -10.96
N PRO E 70 -1.30 -26.11 -10.10
CA PRO E 70 -1.82 -27.43 -10.45
C PRO E 70 -2.88 -27.34 -11.59
N VAL E 71 -3.03 -28.38 -12.36
CA VAL E 71 -4.16 -28.42 -13.26
C VAL E 71 -5.07 -29.42 -12.62
N ARG E 72 -4.63 -30.55 -12.38
N SER F 6 -27.11 11.00 9.28
CA SER F 6 -27.24 12.49 9.49
C SER F 6 -26.50 12.94 10.77
N GLU F 7 -26.48 14.22 10.99
CA GLU F 7 -25.86 14.73 12.20
C GLU F 7 -26.55 14.27 13.46
N ASP F 8 -27.75 13.70 13.36
CA ASP F 8 -28.45 13.11 14.52
C ASP F 8 -28.38 11.59 14.61
N ASP F 9 -27.58 10.98 13.72
CA ASP F 9 -27.36 9.53 13.81
C ASP F 9 -26.76 9.26 15.18
N PRO F 10 -27.22 8.15 15.85
CA PRO F 10 -26.65 7.85 17.17
C PRO F 10 -25.16 7.65 17.24
N LEU F 11 -24.49 7.43 16.12
CA LEU F 11 -23.02 7.26 16.09
C LEU F 11 -22.34 8.47 15.47
N TYR F 12 -23.10 9.53 15.07
CA TYR F 12 -22.37 10.69 14.53
C TYR F 12 -21.40 11.29 15.49
N ASP F 13 -21.77 11.41 16.76
CA ASP F 13 -20.85 12.04 17.68
C ASP F 13 -19.52 11.21 17.80
N GLU F 14 -19.64 9.90 17.84
CA GLU F 14 -18.44 9.04 17.85
C GLU F 14 -17.67 9.20 16.56
N ALA F 15 -18.36 9.34 15.44
CA ALA F 15 -17.65 9.50 14.16
C ALA F 15 -16.87 10.85 14.11
N VAL F 16 -17.50 11.96 14.58
CA VAL F 16 -16.80 13.22 14.53
C VAL F 16 -15.64 13.18 15.48
N ARG F 17 -15.81 12.59 16.68
CA ARG F 17 -14.68 12.47 17.60
C ARG F 17 -13.52 11.69 16.97
N PHE F 18 -13.88 10.60 16.28
CA PHE F 18 -12.87 9.77 15.62
C PHE F 18 -12.13 10.59 14.55
N VAL F 19 -12.89 11.27 13.69
CA VAL F 19 -12.26 12.04 12.58
C VAL F 19 -11.40 13.14 13.12
N THR F 20 -11.84 13.87 14.17
CA THR F 20 -11.07 14.97 14.66
C THR F 20 -9.85 14.52 15.45
N GLU F 21 -9.93 13.34 16.14
CA GLU F 21 -8.72 12.82 16.87
C GLU F 21 -7.79 12.18 15.89
N SER F 22 -8.31 11.36 14.97
CA SER F 22 -7.41 10.60 14.06
C SER F 22 -6.88 11.39 12.91
N ARG F 23 -7.57 12.49 12.57
CA ARG F 23 -7.26 13.26 11.44
C ARG F 23 -7.51 12.56 10.07
N ARG F 24 -8.34 11.51 10.08
CA ARG F 24 -8.64 10.74 8.91
C ARG F 24 -10.05 11.02 8.45
N ALA F 25 -10.25 11.68 7.34
CA ALA F 25 -11.53 12.09 6.83
C ALA F 25 -11.90 11.25 5.65
N SER F 26 -12.02 9.99 5.84
CA SER F 26 -12.37 9.09 4.71
C SER F 26 -13.51 8.21 5.18
N ILE F 27 -14.29 7.79 4.18
CA ILE F 27 -15.40 6.86 4.43
C ILE F 27 -14.90 5.60 5.04
N SER F 28 -13.82 5.15 4.43
CA SER F 28 -13.20 3.86 4.89
C SER F 28 -12.82 3.91 6.35
N ALA F 29 -12.18 5.04 6.73
CA ALA F 29 -11.71 5.09 8.11
C ALA F 29 -12.92 5.07 9.05
N VAL F 30 -13.98 5.81 8.73
CA VAL F 30 -15.21 5.81 9.59
C VAL F 30 -15.80 4.41 9.60
N GLN F 31 -15.89 3.77 8.43
CA GLN F 31 -16.54 2.45 8.42
C GLN F 31 -15.80 1.50 9.29
N ARG F 32 -14.48 1.54 9.25
CA ARG F 32 -13.59 0.62 10.01
C ARG F 32 -13.64 0.90 11.51
N LYS F 33 -13.72 2.18 11.95
CA LYS F 33 -13.80 2.47 13.40
C LYS F 33 -15.17 2.12 13.94
N LEU F 34 -16.23 2.46 13.20
CA LEU F 34 -17.54 2.30 13.73
C LEU F 34 -18.19 0.97 13.40
N LYS F 35 -17.63 0.26 12.44
CA LYS F 35 -18.12 -1.05 11.93
C LYS F 35 -19.54 -0.90 11.46
N ILE F 36 -19.68 0.02 10.51
CA ILE F 36 -20.94 0.38 9.88
C ILE F 36 -20.84 0.26 8.35
N GLY F 37 -21.99 0.34 7.69
CA GLY F 37 -22.08 0.25 6.23
C GLY F 37 -21.49 1.43 5.48
N TYR F 38 -21.22 1.18 4.19
CA TYR F 38 -20.65 2.25 3.36
C TYR F 38 -21.59 3.45 3.20
N ASN F 39 -22.91 3.25 2.93
CA ASN F 39 -23.75 4.39 2.62
C ASN F 39 -23.88 5.20 3.90
N ARG F 40 -23.99 4.55 5.07
CA ARG F 40 -24.25 5.34 6.32
C ARG F 40 -23.00 6.15 6.63
N ALA F 41 -21.83 5.55 6.42
CA ALA F 41 -20.61 6.30 6.64
C ALA F 41 -20.42 7.42 5.65
N ALA F 42 -20.79 7.19 4.40
CA ALA F 42 -20.76 8.28 3.37
C ALA F 42 -21.63 9.43 3.76
N ARG F 43 -22.81 9.14 4.25
CA ARG F 43 -23.67 10.22 4.65
C ARG F 43 -23.16 10.96 5.84
N MET F 44 -22.50 10.26 6.78
CA MET F 44 -21.95 11.00 7.93
C MET F 44 -20.82 11.91 7.48
N ILE F 45 -19.93 11.45 6.56
CA ILE F 45 -18.88 12.35 6.08
C ILE F 45 -19.54 13.56 5.36
N GLU F 46 -20.59 13.37 4.55
CA GLU F 46 -21.26 14.52 3.94
C GLU F 46 -21.80 15.45 5.01
N ALA F 47 -22.33 14.90 6.11
CA ALA F 47 -22.85 15.78 7.17
C ALA F 47 -21.65 16.56 7.80
N MET F 48 -20.48 15.89 7.95
CA MET F 48 -19.29 16.66 8.44
C MET F 48 -18.78 17.71 7.48
N GLU F 49 -18.90 17.47 6.19
CA GLU F 49 -18.53 18.48 5.25
C GLU F 49 -19.48 19.69 5.37
N MET F 50 -20.75 19.41 5.48
CA MET F 50 -21.70 20.55 5.58
C MET F 50 -21.51 21.44 6.80
N ALA F 51 -21.05 20.73 7.86
CA ALA F 51 -20.75 21.38 9.09
C ALA F 51 -19.41 22.03 9.17
N GLY F 52 -18.62 21.84 8.11
CA GLY F 52 -17.24 22.37 8.18
C GLY F 52 -16.21 21.65 8.98
N VAL F 53 -16.51 20.42 9.34
CA VAL F 53 -15.55 19.60 10.12
C VAL F 53 -14.46 19.04 9.18
N VAL F 54 -14.80 18.71 7.94
CA VAL F 54 -13.87 18.16 6.94
C VAL F 54 -14.06 18.97 5.66
N THR F 55 -13.00 19.00 4.85
CA THR F 55 -13.04 19.67 3.58
C THR F 55 -13.94 18.94 2.60
N PRO F 56 -14.38 19.61 1.54
CA PRO F 56 -14.89 18.86 0.37
C PRO F 56 -13.79 17.95 -0.19
N MET F 57 -14.17 17.01 -1.02
CA MET F 57 -13.15 16.16 -1.68
C MET F 57 -12.38 17.04 -2.67
N ASN F 58 -11.06 16.85 -2.74
CA ASN F 58 -10.29 17.58 -3.71
C ASN F 58 -10.21 16.87 -5.05
N THR F 59 -9.35 17.36 -5.93
CA THR F 59 -9.31 16.82 -7.29
C THR F 59 -8.80 15.43 -7.37
N ASN F 60 -8.06 14.94 -6.34
CA ASN F 60 -7.71 13.58 -6.38
C ASN F 60 -8.51 12.69 -5.49
N GLY F 61 -9.57 13.22 -4.92
CA GLY F 61 -10.48 12.40 -4.18
C GLY F 61 -10.23 12.32 -2.71
N SER F 62 -9.41 13.17 -2.15
CA SER F 62 -9.19 13.13 -0.72
C SER F 62 -9.76 14.30 -0.01
N ARG F 63 -9.90 14.13 1.31
CA ARG F 63 -10.39 15.20 2.16
C ARG F 63 -9.45 15.35 3.34
N GLU F 64 -9.53 16.49 4.01
CA GLU F 64 -8.81 16.66 5.26
C GLU F 64 -9.70 17.13 6.35
N VAL F 65 -9.22 16.98 7.56
CA VAL F 65 -10.05 17.42 8.70
C VAL F 65 -9.66 18.93 8.98
N ILE F 66 -10.71 19.74 9.11
CA ILE F 66 -10.57 21.12 9.39
C ILE F 66 -10.69 21.35 10.91
N ALA F 67 -11.64 20.72 11.59
CA ALA F 67 -11.87 20.97 13.01
C ALA F 67 -10.61 20.46 13.83
N PRO F 68 -10.37 21.33 14.92
CA PRO F 68 -9.34 20.88 15.79
C PRO F 68 -9.65 19.60 16.53
N ALA F 69 -8.59 18.92 16.89
CA ALA F 69 -8.75 17.80 17.74
C ALA F 69 -9.36 18.13 19.09
N PRO F 70 -10.19 17.25 19.66
CA PRO F 70 -10.77 17.80 20.91
C PRO F 70 -9.74 17.85 22.08
N VAL F 71 -9.83 18.66 23.03
N ASP G 9 32.87 0.27 3.09
CA ASP G 9 32.20 1.10 2.03
C ASP G 9 32.13 2.51 2.62
N PRO G 10 32.54 3.54 1.88
CA PRO G 10 32.52 4.89 2.46
C PRO G 10 31.19 5.45 2.83
N LEU G 11 30.15 4.83 2.26
CA LEU G 11 28.81 5.28 2.65
C LEU G 11 28.21 4.47 3.80
N TYR G 12 28.89 3.44 4.27
CA TYR G 12 28.32 2.61 5.29
C TYR G 12 27.96 3.34 6.58
N ASP G 13 28.82 4.19 7.11
CA ASP G 13 28.52 4.86 8.39
C ASP G 13 27.37 5.86 8.19
N GLU G 14 27.19 6.43 7.00
CA GLU G 14 26.03 7.29 6.74
C GLU G 14 24.78 6.40 6.58
N ALA G 15 24.85 5.24 5.98
CA ALA G 15 23.70 4.30 5.96
C ALA G 15 23.31 3.93 7.37
N VAL G 16 24.27 3.68 8.26
CA VAL G 16 23.95 3.33 9.65
C VAL G 16 23.25 4.53 10.31
N ARG G 17 23.75 5.75 10.06
CA ARG G 17 23.09 6.93 10.63
C ARG G 17 21.68 7.00 10.15
N PHE G 18 21.48 6.83 8.88
CA PHE G 18 20.13 6.92 8.31
C PHE G 18 19.23 5.85 8.90
N VAL G 19 19.69 4.63 8.90
CA VAL G 19 18.86 3.55 9.49
C VAL G 19 18.48 3.77 10.93
N THR G 20 19.47 4.24 11.72
CA THR G 20 19.21 4.41 13.13
C THR G 20 18.39 5.65 13.43
N GLU G 21 18.42 6.70 12.59
CA GLU G 21 17.55 7.88 12.79
C GLU G 21 16.14 7.56 12.24
N SER G 22 16.03 6.94 11.08
CA SER G 22 14.75 6.76 10.44
C SER G 22 14.03 5.55 10.99
N ARG G 23 14.77 4.62 11.63
CA ARG G 23 14.21 3.35 12.10
C ARG G 23 13.79 2.40 10.97
N ARG G 24 14.28 2.69 9.73
CA ARG G 24 13.85 1.92 8.57
C ARG G 24 14.98 1.00 8.18
N ALA G 25 14.92 -0.23 8.61
CA ALA G 25 16.02 -1.24 8.40
C ALA G 25 15.63 -1.96 7.10
N SER G 26 15.72 -1.29 5.96
CA SER G 26 15.36 -1.95 4.70
C SER G 26 16.34 -1.51 3.62
N ILE G 27 16.56 -2.44 2.68
CA ILE G 27 17.40 -2.12 1.55
C ILE G 27 16.76 -0.99 0.74
N SER G 28 15.44 -1.00 0.59
CA SER G 28 14.79 0.05 -0.19
C SER G 28 14.98 1.41 0.38
N ALA G 29 14.87 1.54 1.73
CA ALA G 29 14.99 2.81 2.36
C ALA G 29 16.46 3.30 2.15
N VAL G 30 17.47 2.46 2.33
CA VAL G 30 18.85 2.93 2.13
C VAL G 30 19.06 3.27 0.66
N GLN G 31 18.59 2.46 -0.31
CA GLN G 31 18.78 2.85 -1.69
C GLN G 31 18.18 4.22 -2.01
N ARG G 32 16.99 4.46 -1.49
CA ARG G 32 16.33 5.71 -1.82
C ARG G 32 17.02 6.88 -1.14
N LYS G 33 17.54 6.72 0.06
CA LYS G 33 18.25 7.83 0.74
C LYS G 33 19.61 8.07 0.07
N LEU G 34 20.36 7.02 -0.21
CA LEU G 34 21.76 7.27 -0.59
C LEU G 34 22.00 7.29 -2.07
N LYS G 35 20.96 6.95 -2.85
CA LYS G 35 21.03 6.95 -4.28
C LYS G 35 22.05 5.96 -4.77
N ILE G 36 22.02 4.76 -4.22
CA ILE G 36 22.90 3.66 -4.59
C ILE G 36 22.14 2.47 -5.14
N GLY G 37 22.81 1.51 -5.74
CA GLY G 37 22.11 0.40 -6.30
C GLY G 37 21.74 -0.68 -5.28
N TYR G 38 20.88 -1.55 -5.76
CA TYR G 38 20.30 -2.58 -4.88
C TYR G 38 21.39 -3.45 -4.23
N ASN G 39 22.40 -3.95 -4.99
CA ASN G 39 23.34 -4.88 -4.42
C ASN G 39 24.21 -4.18 -3.39
N ARG G 40 24.60 -2.94 -3.64
CA ARG G 40 25.43 -2.23 -2.66
C ARG G 40 24.64 -2.00 -1.35
N ALA G 41 23.39 -1.59 -1.47
CA ALA G 41 22.54 -1.37 -0.28
C ALA G 41 22.32 -2.70 0.48
N ALA G 42 22.16 -3.77 -0.29
CA ALA G 42 21.88 -5.06 0.36
C ALA G 42 23.08 -5.47 1.17
N ARG G 43 24.28 -5.27 0.64
CA ARG G 43 25.52 -5.68 1.41
C ARG G 43 25.63 -4.79 2.61
N MET G 44 25.22 -3.51 2.52
CA MET G 44 25.30 -2.72 3.79
C MET G 44 24.34 -3.19 4.86
N ILE G 45 23.09 -3.53 4.45
CA ILE G 45 22.17 -4.00 5.45
C ILE G 45 22.68 -5.30 6.07
N GLU G 46 23.26 -6.23 5.27
CA GLU G 46 23.81 -7.45 5.89
C GLU G 46 24.97 -7.11 6.84
N ALA G 47 25.84 -6.13 6.46
CA ALA G 47 26.91 -5.71 7.42
C ALA G 47 26.35 -5.14 8.72
N MET G 48 25.24 -4.37 8.60
CA MET G 48 24.57 -3.86 9.81
C MET G 48 24.05 -5.01 10.69
N GLU G 49 23.56 -6.08 10.07
CA GLU G 49 23.13 -7.20 10.87
C GLU G 49 24.31 -7.83 11.62
N MET G 50 25.42 -7.97 10.91
CA MET G 50 26.64 -8.55 11.54
C MET G 50 27.11 -7.74 12.67
N ALA G 51 26.92 -6.40 12.59
CA ALA G 51 27.39 -5.48 13.67
C ALA G 51 26.40 -5.30 14.76
N GLY G 52 25.21 -5.95 14.68
CA GLY G 52 24.19 -5.83 15.76
C GLY G 52 23.43 -4.49 15.63
N VAL G 53 23.41 -3.82 14.45
CA VAL G 53 22.68 -2.58 14.32
C VAL G 53 21.20 -2.85 14.00
N VAL G 54 21.03 -3.88 13.16
CA VAL G 54 19.63 -4.30 12.82
C VAL G 54 19.48 -5.81 13.07
N THR G 55 18.24 -6.26 13.21
CA THR G 55 18.00 -7.69 13.49
C THR G 55 18.24 -8.45 12.20
N PRO G 56 18.39 -9.76 12.34
CA PRO G 56 18.19 -10.66 11.21
C PRO G 56 16.80 -10.50 10.62
N MET G 57 16.63 -10.92 9.35
CA MET G 57 15.26 -10.92 8.81
C MET G 57 14.42 -11.92 9.60
N ASN G 58 13.21 -11.51 9.94
CA ASN G 58 12.32 -12.43 10.66
C ASN G 58 11.58 -13.30 9.69
N THR G 59 10.69 -14.12 10.23
CA THR G 59 10.09 -15.08 9.36
C THR G 59 9.20 -14.50 8.29
N ASN G 60 8.81 -13.21 8.39
CA ASN G 60 8.07 -12.58 7.31
C ASN G 60 8.91 -11.63 6.47
N GLY G 61 10.24 -11.68 6.66
CA GLY G 61 11.13 -10.98 5.75
C GLY G 61 11.42 -9.57 6.26
N SER G 62 11.10 -9.21 7.50
CA SER G 62 11.21 -7.86 8.01
C SER G 62 12.41 -7.80 8.95
N ARG G 63 13.06 -6.66 9.02
CA ARG G 63 14.08 -6.33 10.02
C ARG G 63 13.66 -5.16 10.83
N GLU G 64 14.25 -5.04 12.03
CA GLU G 64 14.08 -3.84 12.83
C GLU G 64 15.42 -3.35 13.31
N VAL G 65 15.45 -2.06 13.62
CA VAL G 65 16.67 -1.46 14.13
C VAL G 65 16.76 -1.76 15.63
N ILE G 66 17.94 -2.30 16.05
CA ILE G 66 18.27 -2.58 17.43
C ILE G 66 18.95 -1.30 17.98
N ALA G 67 19.88 -0.64 17.21
CA ALA G 67 20.65 0.49 17.70
C ALA G 67 19.73 1.67 17.98
N PRO G 68 20.04 2.47 19.03
CA PRO G 68 19.17 3.63 19.35
C PRO G 68 19.26 4.79 18.36
N ALA G 69 20.32 4.75 17.66
N ASP H 9 -5.15 20.26 -25.26
CA ASP H 9 -3.70 20.08 -24.84
C ASP H 9 -3.09 19.07 -25.81
N PRO H 10 -1.88 19.31 -26.26
CA PRO H 10 -1.26 18.40 -27.21
C PRO H 10 -1.11 16.95 -26.70
N LEU H 11 -1.13 16.73 -25.38
CA LEU H 11 -0.93 15.35 -24.82
C LEU H 11 -2.25 14.76 -24.48
N TYR H 12 -3.37 15.42 -24.77
CA TYR H 12 -4.67 14.91 -24.39
C TYR H 12 -4.93 13.54 -25.10
N ASP H 13 -4.67 13.42 -26.40
CA ASP H 13 -4.81 12.14 -27.06
C ASP H 13 -3.98 11.05 -26.41
N GLU H 14 -2.72 11.33 -26.03
CA GLU H 14 -1.93 10.32 -25.37
C GLU H 14 -2.55 9.96 -24.00
N ALA H 15 -3.04 10.94 -23.27
CA ALA H 15 -3.65 10.63 -21.95
C ALA H 15 -4.94 9.83 -22.12
N VAL H 16 -5.75 10.10 -23.16
CA VAL H 16 -6.97 9.27 -23.33
C VAL H 16 -6.59 7.85 -23.70
N ARG H 17 -5.64 7.65 -24.61
CA ARG H 17 -5.17 6.31 -24.93
C ARG H 17 -4.69 5.59 -23.70
N PHE H 18 -3.86 6.24 -22.90
CA PHE H 18 -3.39 5.63 -21.65
C PHE H 18 -4.51 5.23 -20.74
N VAL H 19 -5.46 6.15 -20.48
CA VAL H 19 -6.55 5.77 -19.52
C VAL H 19 -7.39 4.65 -20.08
N THR H 20 -7.67 4.70 -21.39
CA THR H 20 -8.57 3.64 -21.93
C THR H 20 -7.88 2.29 -22.03
N GLU H 21 -6.60 2.29 -22.29
CA GLU H 21 -5.86 0.99 -22.32
C GLU H 21 -5.59 0.45 -20.90
N SER H 22 -5.10 1.33 -20.02
CA SER H 22 -4.70 0.89 -18.69
C SER H 22 -5.88 0.73 -17.74
N ARG H 23 -7.00 1.36 -18.06
CA ARG H 23 -8.17 1.35 -17.17
C ARG H 23 -7.98 2.17 -15.88
N ARG H 24 -6.92 3.00 -15.82
CA ARG H 24 -6.58 3.76 -14.60
C ARG H 24 -7.07 5.20 -14.85
N ALA H 25 -8.15 5.60 -14.22
CA ALA H 25 -8.71 6.96 -14.36
C ALA H 25 -8.32 7.79 -13.18
N SER H 26 -7.07 8.07 -12.99
CA SER H 26 -6.62 8.89 -11.85
C SER H 26 -5.58 9.90 -12.35
N ILE H 27 -5.55 11.02 -11.63
CA ILE H 27 -4.59 12.03 -11.94
C ILE H 27 -3.18 11.45 -11.72
N SER H 28 -3.01 10.70 -10.63
CA SER H 28 -1.73 10.09 -10.33
C SER H 28 -1.23 9.26 -11.51
N ALA H 29 -2.09 8.37 -12.06
CA ALA H 29 -1.65 7.50 -13.14
C ALA H 29 -1.29 8.34 -14.33
N VAL H 30 -2.07 9.36 -14.67
CA VAL H 30 -1.72 10.22 -15.89
C VAL H 30 -0.44 10.99 -15.61
N GLN H 31 -0.26 11.55 -14.39
CA GLN H 31 0.95 12.26 -14.13
C GLN H 31 2.16 11.36 -14.28
N ARG H 32 2.06 10.11 -13.84
CA ARG H 32 3.22 9.20 -13.87
C ARG H 32 3.51 8.79 -15.30
N LYS H 33 2.44 8.48 -16.06
CA LYS H 33 2.68 8.05 -17.43
C LYS H 33 3.21 9.15 -18.32
N LEU H 34 2.59 10.31 -18.24
CA LEU H 34 2.94 11.41 -19.19
C LEU H 34 4.08 12.25 -18.62
N LYS H 35 4.45 12.09 -17.33
CA LYS H 35 5.53 12.89 -16.70
C LYS H 35 5.22 14.41 -16.69
N ILE H 36 4.02 14.74 -16.20
CA ILE H 36 3.55 16.10 -16.23
C ILE H 36 3.15 16.50 -14.84
N GLY H 37 2.84 17.79 -14.72
CA GLY H 37 2.43 18.34 -13.45
C GLY H 37 1.00 17.92 -13.04
N TYR H 38 0.77 18.08 -11.72
CA TYR H 38 -0.51 17.80 -11.17
C TYR H 38 -1.67 18.57 -11.76
N ASN H 39 -1.52 19.89 -11.87
CA ASN H 39 -2.69 20.67 -12.34
C ASN H 39 -3.00 20.28 -13.79
N ARG H 40 -2.02 20.11 -14.59
CA ARG H 40 -2.19 19.74 -16.01
C ARG H 40 -2.87 18.36 -16.14
N ALA H 41 -2.46 17.41 -15.33
CA ALA H 41 -3.11 16.11 -15.33
C ALA H 41 -4.49 16.18 -14.82
N ALA H 42 -4.74 17.04 -13.83
CA ALA H 42 -6.12 17.19 -13.31
C ALA H 42 -7.04 17.81 -14.36
N ARG H 43 -6.54 18.76 -15.16
CA ARG H 43 -7.38 19.31 -16.25
C ARG H 43 -7.67 18.30 -17.28
N MET H 44 -6.74 17.35 -17.53
CA MET H 44 -7.03 16.35 -18.53
C MET H 44 -8.08 15.39 -18.05
N ILE H 45 -7.99 14.99 -16.78
CA ILE H 45 -8.97 14.09 -16.26
C ILE H 45 -10.36 14.77 -16.31
N GLU H 46 -10.46 16.02 -15.90
CA GLU H 46 -11.77 16.73 -15.96
C GLU H 46 -12.26 16.78 -17.39
N ALA H 47 -11.35 17.02 -18.36
CA ALA H 47 -11.75 17.04 -19.80
C ALA H 47 -12.27 15.63 -20.20
N MET H 48 -11.63 14.58 -19.65
CA MET H 48 -12.11 13.22 -19.90
C MET H 48 -13.52 13.01 -19.36
N GLU H 49 -13.81 13.54 -18.18
CA GLU H 49 -15.16 13.39 -17.56
C GLU H 49 -16.18 14.12 -18.43
N MET H 50 -15.78 15.30 -18.89
CA MET H 50 -16.72 16.09 -19.73
C MET H 50 -17.03 15.37 -21.03
N ALA H 51 -16.02 14.66 -21.56
CA ALA H 51 -16.18 13.95 -22.81
C ALA H 51 -16.77 12.55 -22.64
N GLY H 52 -17.06 12.12 -21.42
CA GLY H 52 -17.63 10.81 -21.19
C GLY H 52 -16.72 9.62 -21.24
N VAL H 53 -15.43 9.92 -21.14
CA VAL H 53 -14.38 8.88 -21.14
C VAL H 53 -14.24 8.24 -19.76
N VAL H 54 -14.33 9.05 -18.68
CA VAL H 54 -14.28 8.51 -17.30
C VAL H 54 -15.46 8.97 -16.52
N THR H 55 -15.79 8.27 -15.44
CA THR H 55 -16.91 8.64 -14.64
C THR H 55 -16.55 9.88 -13.79
N PRO H 56 -17.59 10.55 -13.23
CA PRO H 56 -17.33 11.46 -12.15
C PRO H 56 -16.68 10.75 -10.96
N MET H 57 -16.07 11.52 -10.10
CA MET H 57 -15.47 10.95 -8.91
C MET H 57 -16.62 10.47 -8.00
N ASN H 58 -16.48 9.30 -7.41
CA ASN H 58 -17.54 8.76 -6.52
C ASN H 58 -17.28 9.19 -5.09
N THR H 59 -18.17 8.72 -4.17
CA THR H 59 -18.05 9.22 -2.79
C THR H 59 -16.78 8.87 -2.06
N ASN H 60 -16.03 7.87 -2.53
CA ASN H 60 -14.77 7.56 -1.96
C ASN H 60 -13.58 8.12 -2.76
N GLY H 61 -13.88 8.99 -3.70
CA GLY H 61 -12.79 9.66 -4.34
C GLY H 61 -12.17 8.92 -5.55
N SER H 62 -12.88 7.93 -6.10
CA SER H 62 -12.38 7.24 -7.25
C SER H 62 -13.21 7.36 -8.52
N ARG H 63 -12.55 7.15 -9.66
CA ARG H 63 -13.25 7.18 -10.94
C ARG H 63 -12.99 5.86 -11.62
N GLU H 64 -13.78 5.55 -12.60
CA GLU H 64 -13.55 4.44 -13.46
C GLU H 64 -13.61 4.88 -14.92
N VAL H 65 -13.09 4.06 -15.80
CA VAL H 65 -13.14 4.35 -17.21
C VAL H 65 -14.37 3.75 -17.83
N ILE H 66 -15.03 4.62 -18.55
CA ILE H 66 -16.27 4.26 -19.27
C ILE H 66 -15.97 3.80 -20.69
N ALA H 67 -15.10 4.52 -21.40
CA ALA H 67 -14.85 4.24 -22.79
C ALA H 67 -14.25 2.84 -22.85
N PRO H 68 -14.51 2.10 -23.93
CA PRO H 68 -13.91 0.75 -24.04
C PRO H 68 -12.43 0.76 -24.34
N ALA H 69 -11.70 -0.29 -23.89
CA ALA H 69 -10.31 -0.44 -24.29
C ALA H 69 -10.21 -0.52 -25.81
N PRO H 70 -9.24 0.15 -26.39
CA PRO H 70 -8.94 -0.03 -27.85
C PRO H 70 -8.77 -1.51 -28.17
N VAL H 71 -8.23 -2.31 -27.35
#